data_1I52
#
_entry.id   1I52
#
_cell.length_a   130.564
_cell.length_b   47.074
_cell.length_c   38.105
_cell.angle_alpha   90.00
_cell.angle_beta   93.78
_cell.angle_gamma   90.00
#
_symmetry.space_group_name_H-M   'C 1 2 1'
#
loop_
_entity.id
_entity.type
_entity.pdbx_description
1 polymer '4-DIPHOSPHOCYTIDYL-2-C-METHYLERYTHRITOL SYNTHASE'
2 non-polymer 'CALCIUM ION'
3 non-polymer 'MAGNESIUM ION'
4 non-polymer "CYTIDINE-5'-TRIPHOSPHATE"
5 water water
#
_entity_poly.entity_id   1
_entity_poly.type   'polypeptide(L)'
_entity_poly.pdbx_seq_one_letter_code
;MATTHLDVCAVVPAAGFGRRMQTECPKQYLSIGNQTILEHSVHALLAHPRVKRVVIAISPGDSRFAQLPLANHPQITVVD
GGDERADSVLAGLKAAGDAQWVLVHDAARPCLHQDDLARLLALSETSRTGGILAAPVRDTMKRAEPGKNAIAHTVDRNGL
WHALTPQFFPRELLHDCLTRALNEGATITDEASALEYCGFHPQLVEGRADNIKVTRPEDLALAEFYLTRTIHQENT
;
_entity_poly.pdbx_strand_id   A
#
loop_
_chem_comp.id
_chem_comp.type
_chem_comp.name
_chem_comp.formula
CA non-polymer 'CALCIUM ION' 'Ca 2'
CTP non-polymer CYTIDINE-5'-TRIPHOSPHATE 'C9 H16 N3 O14 P3'
MG non-polymer 'MAGNESIUM ION' 'Mg 2'
#
# COMPACT_ATOMS: atom_id res chain seq x y z
N HIS A 5 2.84 -23.27 2.00
CA HIS A 5 3.57 -22.18 2.72
C HIS A 5 3.77 -20.91 1.88
N LEU A 6 3.94 -21.10 0.58
CA LEU A 6 4.19 -19.98 -0.33
C LEU A 6 2.95 -19.22 -0.79
N ASP A 7 1.77 -19.63 -0.34
CA ASP A 7 0.54 -18.95 -0.74
C ASP A 7 0.46 -17.58 -0.05
N VAL A 8 0.21 -16.54 -0.82
CA VAL A 8 0.09 -15.18 -0.29
C VAL A 8 -1.28 -14.59 -0.63
N CYS A 9 -1.86 -13.84 0.30
CA CYS A 9 -3.12 -13.13 0.01
C CYS A 9 -2.76 -11.63 0.02
N ALA A 10 -3.25 -10.88 -0.95
CA ALA A 10 -3.00 -9.44 -0.97
C ALA A 10 -4.24 -8.69 -0.50
N VAL A 11 -4.02 -7.54 0.15
CA VAL A 11 -5.12 -6.70 0.61
C VAL A 11 -4.84 -5.32 0.00
N VAL A 12 -5.83 -4.76 -0.69
CA VAL A 12 -5.70 -3.46 -1.33
C VAL A 12 -6.73 -2.48 -0.75
N PRO A 13 -6.30 -1.56 0.12
CA PRO A 13 -7.27 -0.60 0.67
C PRO A 13 -7.61 0.37 -0.48
N ALA A 14 -8.89 0.44 -0.83
CA ALA A 14 -9.35 1.26 -1.93
C ALA A 14 -10.70 1.89 -1.58
N ALA A 15 -10.83 2.29 -0.33
CA ALA A 15 -12.08 2.85 0.18
C ALA A 15 -12.03 4.36 0.36
N GLY A 16 -10.92 4.97 -0.04
CA GLY A 16 -10.79 6.41 0.07
C GLY A 16 -11.50 7.13 -1.06
N PHE A 17 -11.58 8.45 -0.95
CA PHE A 17 -12.25 9.32 -1.92
C PHE A 17 -11.29 10.20 -2.74
N GLY A 18 -10.00 10.18 -2.41
CA GLY A 18 -9.03 10.99 -3.14
C GLY A 18 -9.46 12.43 -3.26
N ARG A 19 -9.73 13.04 -2.11
CA ARG A 19 -10.17 14.44 -2.08
C ARG A 19 -9.11 15.39 -2.64
N ARG A 20 -7.83 15.05 -2.48
CA ARG A 20 -6.74 15.88 -2.99
C ARG A 20 -6.59 15.87 -4.52
N MET A 21 -7.46 15.13 -5.22
CA MET A 21 -7.38 15.07 -6.69
C MET A 21 -8.31 16.04 -7.43
N GLN A 22 -9.26 16.64 -6.72
CA GLN A 22 -10.20 17.58 -7.36
C GLN A 22 -11.31 16.89 -8.13
N THR A 23 -11.13 15.62 -8.46
CA THR A 23 -12.15 14.92 -9.21
C THR A 23 -13.24 14.35 -8.30
N GLU A 24 -14.47 14.39 -8.77
CA GLU A 24 -15.56 13.84 -7.99
C GLU A 24 -15.41 12.32 -8.10
N CYS A 25 -14.72 11.87 -9.15
CA CYS A 25 -14.49 10.45 -9.33
C CYS A 25 -13.30 10.06 -8.43
N PRO A 26 -13.46 9.00 -7.63
CA PRO A 26 -12.35 8.59 -6.76
C PRO A 26 -11.14 8.30 -7.65
N LYS A 27 -9.98 8.79 -7.23
CA LYS A 27 -8.76 8.64 -8.02
C LYS A 27 -8.43 7.22 -8.44
N GLN A 28 -8.74 6.25 -7.59
CA GLN A 28 -8.45 4.87 -7.97
C GLN A 28 -9.28 4.46 -9.17
N TYR A 29 -10.28 5.26 -9.53
CA TYR A 29 -11.11 4.92 -10.68
C TYR A 29 -10.78 5.78 -11.90
N LEU A 30 -9.76 6.61 -11.77
CA LEU A 30 -9.31 7.42 -12.90
C LEU A 30 -8.53 6.44 -13.74
N SER A 31 -8.43 6.73 -15.03
CA SER A 31 -7.74 5.82 -15.90
C SER A 31 -6.44 6.26 -16.50
N ILE A 32 -5.63 5.25 -16.83
CA ILE A 32 -4.37 5.44 -17.51
C ILE A 32 -4.46 4.39 -18.61
N GLY A 33 -4.55 4.88 -19.84
CA GLY A 33 -4.72 3.97 -20.96
C GLY A 33 -6.22 3.78 -21.03
N ASN A 34 -6.67 2.61 -20.60
CA ASN A 34 -8.10 2.29 -20.57
C ASN A 34 -8.31 1.33 -19.43
N GLN A 35 -7.37 1.37 -18.49
CA GLN A 35 -7.46 0.57 -17.30
C GLN A 35 -7.44 1.58 -16.16
N THR A 36 -8.19 1.31 -15.09
CA THR A 36 -8.22 2.23 -13.96
C THR A 36 -6.95 2.04 -13.14
N ILE A 37 -6.63 3.06 -12.34
CA ILE A 37 -5.47 3.01 -11.46
C ILE A 37 -5.61 1.74 -10.58
N LEU A 38 -6.81 1.48 -10.07
CA LEU A 38 -7.03 0.29 -9.24
C LEU A 38 -6.65 -0.98 -10.04
N GLU A 39 -7.06 -1.07 -11.30
CA GLU A 39 -6.73 -2.25 -12.10
C GLU A 39 -5.23 -2.40 -12.31
N HIS A 40 -4.53 -1.31 -12.64
CA HIS A 40 -3.08 -1.42 -12.82
C HIS A 40 -2.45 -1.98 -11.53
N SER A 41 -2.86 -1.44 -10.39
CA SER A 41 -2.34 -1.89 -9.12
C SER A 41 -2.61 -3.36 -8.83
N VAL A 42 -3.86 -3.76 -8.99
CA VAL A 42 -4.27 -5.14 -8.72
C VAL A 42 -3.59 -6.11 -9.65
N HIS A 43 -3.53 -5.74 -10.92
CA HIS A 43 -2.89 -6.66 -11.86
C HIS A 43 -1.41 -6.83 -11.61
N ALA A 44 -0.75 -5.81 -11.04
CA ALA A 44 0.68 -5.99 -10.76
C ALA A 44 0.85 -7.06 -9.66
N LEU A 45 -0.05 -7.08 -8.68
CA LEU A 45 0.02 -8.08 -7.63
C LEU A 45 -0.27 -9.48 -8.19
N LEU A 46 -1.30 -9.60 -9.01
CA LEU A 46 -1.69 -10.89 -9.56
C LEU A 46 -0.67 -11.47 -10.51
N ALA A 47 0.27 -10.65 -10.96
CA ALA A 47 1.29 -11.16 -11.89
C ALA A 47 2.25 -12.11 -11.20
N HIS A 48 2.46 -11.95 -9.90
CA HIS A 48 3.38 -12.85 -9.21
C HIS A 48 2.65 -14.14 -8.87
N PRO A 49 3.19 -15.31 -9.26
CA PRO A 49 2.50 -16.58 -8.95
C PRO A 49 2.07 -16.87 -7.54
N ARG A 50 2.78 -16.33 -6.55
CA ARG A 50 2.44 -16.62 -5.17
C ARG A 50 1.18 -15.89 -4.71
N VAL A 51 0.77 -14.85 -5.41
CA VAL A 51 -0.45 -14.14 -5.01
C VAL A 51 -1.67 -14.92 -5.49
N LYS A 52 -2.30 -15.62 -4.56
CA LYS A 52 -3.45 -16.47 -4.87
C LYS A 52 -4.79 -15.77 -4.72
N ARG A 53 -4.78 -14.67 -4.00
CA ARG A 53 -6.01 -13.97 -3.72
C ARG A 53 -5.76 -12.50 -3.51
N VAL A 54 -6.75 -11.69 -3.83
CA VAL A 54 -6.62 -10.26 -3.55
C VAL A 54 -7.96 -9.83 -2.97
N VAL A 55 -7.90 -9.20 -1.80
CA VAL A 55 -9.08 -8.68 -1.14
C VAL A 55 -9.00 -7.17 -1.28
N ILE A 56 -10.01 -6.57 -1.91
CA ILE A 56 -10.08 -5.12 -2.14
C ILE A 56 -11.15 -4.52 -1.22
N ALA A 57 -10.77 -3.55 -0.41
CA ALA A 57 -11.73 -2.93 0.51
C ALA A 57 -12.21 -1.67 -0.18
N ILE A 58 -13.54 -1.52 -0.31
CA ILE A 58 -14.09 -0.35 -0.95
C ILE A 58 -15.06 0.35 0.00
N SER A 59 -15.40 1.59 -0.31
CA SER A 59 -16.31 2.34 0.54
C SER A 59 -17.70 1.77 0.38
N PRO A 60 -18.53 1.83 1.44
CA PRO A 60 -19.89 1.30 1.22
C PRO A 60 -20.54 2.22 0.19
N GLY A 61 -21.43 1.71 -0.65
CA GLY A 61 -22.01 2.61 -1.65
C GLY A 61 -21.20 2.75 -2.94
N ASP A 62 -19.88 2.54 -2.87
CA ASP A 62 -19.00 2.59 -4.05
C ASP A 62 -19.70 1.77 -5.13
N SER A 63 -20.27 2.45 -6.13
CA SER A 63 -20.98 1.79 -7.23
C SER A 63 -20.11 1.56 -8.45
N ARG A 64 -18.87 1.99 -8.40
CA ARG A 64 -17.99 1.82 -9.55
C ARG A 64 -17.33 0.48 -9.63
N PHE A 65 -16.83 -0.02 -8.51
CA PHE A 65 -16.14 -1.30 -8.51
C PHE A 65 -16.90 -2.38 -9.26
N ALA A 66 -18.19 -2.50 -8.96
CA ALA A 66 -19.01 -3.54 -9.57
C ALA A 66 -18.96 -3.53 -11.09
N GLN A 67 -18.66 -2.38 -11.68
CA GLN A 67 -18.63 -2.28 -13.14
C GLN A 67 -17.29 -2.64 -13.80
N LEU A 68 -16.31 -3.05 -12.98
CA LEU A 68 -14.99 -3.42 -13.50
C LEU A 68 -14.88 -4.94 -13.62
N PRO A 69 -13.95 -5.43 -14.45
CA PRO A 69 -13.74 -6.88 -14.65
C PRO A 69 -13.31 -7.55 -13.34
N LEU A 70 -12.65 -6.79 -12.48
CA LEU A 70 -12.19 -7.33 -11.21
C LEU A 70 -13.32 -7.88 -10.35
N ALA A 71 -14.53 -7.36 -10.57
CA ALA A 71 -15.69 -7.75 -9.80
C ALA A 71 -16.07 -9.22 -9.96
N ASN A 72 -15.67 -9.82 -11.08
CA ASN A 72 -16.00 -11.23 -11.35
C ASN A 72 -14.80 -12.16 -11.45
N HIS A 73 -13.64 -11.66 -11.03
CA HIS A 73 -12.39 -12.41 -11.08
C HIS A 73 -12.39 -13.46 -9.98
N PRO A 74 -12.04 -14.72 -10.31
CA PRO A 74 -12.05 -15.78 -9.31
C PRO A 74 -11.09 -15.62 -8.15
N GLN A 75 -10.06 -14.78 -8.32
CA GLN A 75 -9.09 -14.59 -7.24
C GLN A 75 -9.33 -13.30 -6.46
N ILE A 76 -10.39 -12.55 -6.77
CA ILE A 76 -10.64 -11.30 -6.10
C ILE A 76 -11.92 -11.30 -5.28
N THR A 77 -11.81 -10.80 -4.05
CA THR A 77 -12.92 -10.73 -3.09
C THR A 77 -13.01 -9.27 -2.67
N VAL A 78 -14.21 -8.73 -2.58
CA VAL A 78 -14.36 -7.35 -2.17
C VAL A 78 -15.03 -7.30 -0.81
N VAL A 79 -14.66 -6.31 0.00
CA VAL A 79 -15.27 -6.13 1.31
C VAL A 79 -15.43 -4.63 1.50
N ASP A 80 -16.23 -4.23 2.47
CA ASP A 80 -16.40 -2.82 2.73
C ASP A 80 -15.26 -2.37 3.63
N GLY A 81 -14.66 -1.24 3.27
CA GLY A 81 -13.59 -0.67 4.07
C GLY A 81 -14.18 0.17 5.19
N GLY A 82 -13.34 0.98 5.84
CA GLY A 82 -13.78 1.81 6.96
C GLY A 82 -13.43 3.27 6.89
N ASP A 83 -13.55 3.98 8.02
CA ASP A 83 -13.27 5.42 8.07
C ASP A 83 -11.85 5.82 7.71
N GLU A 84 -10.87 5.09 8.24
CA GLU A 84 -9.47 5.35 7.96
C GLU A 84 -8.83 4.16 7.27
N ARG A 85 -7.66 4.38 6.68
CA ARG A 85 -6.97 3.31 5.96
C ARG A 85 -6.76 2.05 6.80
N ALA A 86 -6.34 2.22 8.05
CA ALA A 86 -6.11 1.07 8.91
C ALA A 86 -7.36 0.23 9.11
N ASP A 87 -8.52 0.89 9.17
CA ASP A 87 -9.76 0.17 9.34
C ASP A 87 -10.03 -0.66 8.09
N SER A 88 -9.73 -0.09 6.94
CA SER A 88 -9.96 -0.80 5.70
C SER A 88 -9.00 -1.98 5.56
N VAL A 89 -7.76 -1.80 6.01
CA VAL A 89 -6.83 -2.92 5.92
C VAL A 89 -7.28 -4.06 6.82
N LEU A 90 -7.76 -3.73 8.03
CA LEU A 90 -8.24 -4.76 8.96
C LEU A 90 -9.40 -5.54 8.36
N ALA A 91 -10.33 -4.84 7.71
CA ALA A 91 -11.48 -5.47 7.09
C ALA A 91 -10.96 -6.42 6.02
N GLY A 92 -9.94 -5.98 5.27
CA GLY A 92 -9.39 -6.87 4.26
C GLY A 92 -8.72 -8.07 4.91
N LEU A 93 -7.97 -7.87 5.99
CA LEU A 93 -7.29 -8.97 6.66
C LEU A 93 -8.29 -10.03 7.17
N LYS A 94 -9.49 -9.59 7.53
CA LYS A 94 -10.54 -10.51 7.99
C LYS A 94 -10.98 -11.48 6.89
N ALA A 95 -10.85 -11.09 5.62
CA ALA A 95 -11.27 -11.97 4.54
C ALA A 95 -10.13 -12.64 3.81
N ALA A 96 -8.94 -12.54 4.39
CA ALA A 96 -7.72 -13.09 3.82
C ALA A 96 -7.58 -14.60 3.87
N GLY A 97 -8.59 -15.29 4.40
CA GLY A 97 -8.51 -16.74 4.46
C GLY A 97 -7.45 -17.24 5.43
N ASP A 98 -6.81 -18.36 5.08
CA ASP A 98 -5.78 -18.94 5.95
C ASP A 98 -4.36 -18.63 5.51
N ALA A 99 -4.22 -17.67 4.61
CA ALA A 99 -2.92 -17.26 4.12
C ALA A 99 -1.96 -17.00 5.27
N GLN A 100 -0.75 -17.53 5.21
CA GLN A 100 0.19 -17.28 6.30
C GLN A 100 0.83 -15.90 6.19
N TRP A 101 0.96 -15.40 4.96
CA TRP A 101 1.58 -14.09 4.71
C TRP A 101 0.64 -13.21 3.89
N VAL A 102 0.63 -11.91 4.21
CA VAL A 102 -0.23 -10.96 3.49
C VAL A 102 0.58 -9.80 2.94
N LEU A 103 0.18 -9.34 1.75
CA LEU A 103 0.81 -8.26 1.02
C LEU A 103 -0.18 -7.11 1.02
N VAL A 104 0.14 -5.97 1.63
CA VAL A 104 -0.82 -4.85 1.63
C VAL A 104 -0.29 -3.82 0.63
N HIS A 105 -1.13 -3.42 -0.32
CA HIS A 105 -0.72 -2.50 -1.36
C HIS A 105 -1.75 -1.41 -1.63
N ASP A 106 -1.29 -0.16 -1.69
CA ASP A 106 -2.21 0.96 -1.97
C ASP A 106 -2.83 0.89 -3.35
N ALA A 107 -4.12 1.09 -3.46
CA ALA A 107 -4.75 1.08 -4.76
C ALA A 107 -4.14 2.19 -5.63
N ALA A 108 -3.64 3.25 -5.00
CA ALA A 108 -3.10 4.41 -5.70
C ALA A 108 -1.65 4.35 -6.16
N ARG A 109 -1.04 3.16 -6.10
CA ARG A 109 0.34 2.99 -6.56
C ARG A 109 0.31 2.01 -7.73
N PRO A 110 -0.04 2.52 -8.93
CA PRO A 110 -0.13 1.68 -10.11
C PRO A 110 1.15 1.34 -10.84
N CYS A 111 2.27 1.91 -10.41
CA CYS A 111 3.52 1.73 -11.11
C CYS A 111 4.43 0.65 -10.61
N LEU A 112 3.93 -0.21 -9.71
CA LEU A 112 4.74 -1.31 -9.17
C LEU A 112 5.36 -2.25 -10.21
N HIS A 113 6.65 -2.49 -10.07
CA HIS A 113 7.38 -3.39 -10.96
C HIS A 113 7.51 -4.80 -10.40
N GLN A 114 7.54 -5.79 -11.29
CA GLN A 114 7.66 -7.16 -10.85
C GLN A 114 8.94 -7.51 -10.13
N ASP A 115 10.05 -6.90 -10.50
CA ASP A 115 11.29 -7.24 -9.82
C ASP A 115 11.24 -6.83 -8.34
N ASP A 116 10.71 -5.65 -8.06
CA ASP A 116 10.57 -5.18 -6.66
C ASP A 116 9.62 -6.11 -5.90
N LEU A 117 8.49 -6.45 -6.52
CA LEU A 117 7.51 -7.31 -5.88
C LEU A 117 8.14 -8.64 -5.53
N ALA A 118 8.89 -9.22 -6.46
CA ALA A 118 9.53 -10.51 -6.20
C ALA A 118 10.58 -10.46 -5.09
N ARG A 119 11.33 -9.36 -5.00
CA ARG A 119 12.34 -9.25 -3.97
C ARG A 119 11.66 -9.08 -2.61
N LEU A 120 10.51 -8.40 -2.60
CA LEU A 120 9.78 -8.22 -1.35
C LEU A 120 9.26 -9.57 -0.85
N LEU A 121 8.70 -10.38 -1.75
CA LEU A 121 8.17 -11.69 -1.37
C LEU A 121 9.24 -12.66 -0.83
N ALA A 122 10.48 -12.47 -1.25
CA ALA A 122 11.52 -13.35 -0.75
C ALA A 122 11.69 -13.27 0.76
N LEU A 123 11.17 -12.20 1.39
CA LEU A 123 11.27 -12.05 2.83
C LEU A 123 10.66 -13.20 3.61
N SER A 124 9.66 -13.88 3.03
CA SER A 124 9.05 -14.96 3.80
C SER A 124 9.99 -16.14 4.03
N GLU A 125 11.08 -16.19 3.29
CA GLU A 125 12.03 -17.29 3.43
C GLU A 125 13.19 -16.91 4.35
N THR A 126 13.25 -15.64 4.75
CA THR A 126 14.36 -15.17 5.57
C THR A 126 14.01 -14.26 6.73
N SER A 127 12.72 -14.04 6.98
CA SER A 127 12.27 -13.17 8.06
C SER A 127 11.03 -13.68 8.76
N ARG A 128 10.86 -13.33 10.04
CA ARG A 128 9.66 -13.73 10.76
C ARG A 128 8.87 -12.49 11.08
N THR A 129 9.38 -11.35 10.63
CA THR A 129 8.69 -10.07 10.87
C THR A 129 8.12 -9.50 9.58
N GLY A 130 8.84 -9.66 8.49
CA GLY A 130 8.35 -9.10 7.24
C GLY A 130 9.07 -7.81 6.91
N GLY A 131 8.50 -7.04 5.99
CA GLY A 131 9.14 -5.80 5.61
C GLY A 131 8.36 -5.03 4.56
N ILE A 132 9.00 -4.01 4.00
CA ILE A 132 8.37 -3.11 3.03
C ILE A 132 9.31 -2.70 1.92
N LEU A 133 8.73 -2.26 0.80
CA LEU A 133 9.55 -1.68 -0.26
C LEU A 133 9.78 -0.25 0.24
N ALA A 134 10.97 0.24 -0.01
CA ALA A 134 11.34 1.59 0.41
C ALA A 134 12.40 2.14 -0.50
N ALA A 135 12.44 3.47 -0.66
CA ALA A 135 13.45 4.08 -1.53
C ALA A 135 14.30 5.00 -0.67
N PRO A 136 15.63 4.95 -0.85
CA PRO A 136 16.51 5.78 -0.05
C PRO A 136 16.28 7.27 -0.30
N VAL A 137 16.45 8.06 0.74
CA VAL A 137 16.31 9.49 0.58
C VAL A 137 17.50 10.03 -0.20
N ARG A 138 17.22 10.88 -1.19
CA ARG A 138 18.25 11.49 -2.03
C ARG A 138 18.50 12.96 -1.69
N ASP A 139 17.45 13.74 -1.47
CA ASP A 139 17.66 15.17 -1.19
C ASP A 139 18.19 15.45 0.23
N THR A 140 18.83 16.60 0.40
CA THR A 140 19.27 17.02 1.72
C THR A 140 17.92 17.37 2.38
N MET A 141 17.70 16.93 3.61
CA MET A 141 16.45 17.20 4.30
C MET A 141 16.61 18.19 5.43
N LYS A 142 15.60 19.05 5.57
CA LYS A 142 15.61 20.07 6.61
C LYS A 142 14.44 19.88 7.56
N ARG A 143 14.71 20.10 8.83
CA ARG A 143 13.67 20.05 9.85
C ARG A 143 13.37 21.51 10.14
N ALA A 144 12.10 21.88 10.15
CA ALA A 144 11.69 23.25 10.40
C ALA A 144 11.53 23.49 11.89
N GLU A 145 11.64 24.75 12.30
CA GLU A 145 11.44 25.08 13.68
C GLU A 145 9.94 25.00 13.93
N PRO A 146 9.55 24.52 15.11
CA PRO A 146 8.14 24.36 15.49
C PRO A 146 7.24 25.55 15.12
N GLY A 147 6.24 25.27 14.27
CA GLY A 147 5.30 26.29 13.86
C GLY A 147 5.76 27.38 12.91
N LYS A 148 7.03 27.37 12.54
CA LYS A 148 7.57 28.39 11.65
C LYS A 148 8.26 27.80 10.43
N ASN A 149 8.29 28.55 9.33
CA ASN A 149 8.94 28.06 8.12
C ASN A 149 10.41 28.47 8.05
N ALA A 150 11.13 28.25 9.15
CA ALA A 150 12.55 28.55 9.24
C ALA A 150 13.25 27.23 9.57
N ILE A 151 14.44 27.03 9.01
CA ILE A 151 15.18 25.79 9.25
C ILE A 151 15.75 25.67 10.66
N ALA A 152 15.45 24.58 11.34
CA ALA A 152 16.00 24.34 12.67
C ALA A 152 17.37 23.72 12.44
N HIS A 153 17.42 22.66 11.63
CA HIS A 153 18.68 22.01 11.34
C HIS A 153 18.46 21.04 10.18
N THR A 154 19.55 20.49 9.67
CA THR A 154 19.51 19.52 8.59
C THR A 154 19.35 18.14 9.21
N VAL A 155 18.49 17.31 8.65
CA VAL A 155 18.27 15.95 9.15
C VAL A 155 19.15 14.98 8.36
N ASP A 156 19.99 14.21 9.05
CA ASP A 156 20.90 13.25 8.41
C ASP A 156 20.06 12.32 7.54
N ARG A 157 20.33 12.31 6.24
CA ARG A 157 19.57 11.43 5.33
C ARG A 157 20.14 10.03 5.23
N ASN A 158 21.28 9.81 5.87
CA ASN A 158 21.91 8.50 5.86
C ASN A 158 21.06 7.55 6.70
N GLY A 159 20.56 6.48 6.07
CA GLY A 159 19.71 5.53 6.78
C GLY A 159 18.26 6.01 6.82
N LEU A 160 17.91 6.99 6.00
CA LEU A 160 16.56 7.51 5.97
C LEU A 160 15.91 7.00 4.69
N TRP A 161 14.67 6.53 4.80
CA TRP A 161 13.98 5.93 3.65
C TRP A 161 12.53 6.40 3.47
N HIS A 162 12.11 6.47 2.21
CA HIS A 162 10.71 6.77 1.87
C HIS A 162 9.97 5.40 1.94
N ALA A 163 8.97 5.26 2.79
CA ALA A 163 8.21 4.01 2.87
C ALA A 163 7.29 3.93 1.67
N LEU A 164 7.29 2.78 0.99
CA LEU A 164 6.39 2.60 -0.17
C LEU A 164 5.51 1.40 0.11
N THR A 165 4.74 0.94 -0.88
CA THR A 165 4.00 -0.31 -0.69
C THR A 165 4.29 -1.10 -1.98
N PRO A 166 4.05 -2.41 -1.98
CA PRO A 166 3.53 -3.24 -0.90
C PRO A 166 4.37 -3.35 0.36
N GLN A 167 3.68 -3.81 1.39
CA GLN A 167 4.27 -4.07 2.71
C GLN A 167 3.81 -5.51 2.94
N PHE A 168 4.77 -6.35 3.31
CA PHE A 168 4.57 -7.80 3.43
C PHE A 168 4.83 -8.34 4.82
N PHE A 169 3.82 -8.95 5.41
CA PHE A 169 3.98 -9.44 6.79
C PHE A 169 3.22 -10.71 7.07
N PRO A 170 3.61 -11.43 8.14
CA PRO A 170 2.86 -12.65 8.48
C PRO A 170 1.44 -12.09 8.77
N ARG A 171 0.41 -12.75 8.27
CA ARG A 171 -0.97 -12.33 8.36
C ARG A 171 -1.50 -12.07 9.77
N GLU A 172 -1.39 -13.07 10.63
CA GLU A 172 -1.92 -12.88 11.98
C GLU A 172 -1.12 -11.88 12.81
N LEU A 173 0.19 -11.81 12.59
CA LEU A 173 1.01 -10.84 13.33
C LEU A 173 0.54 -9.43 12.91
N LEU A 174 0.31 -9.21 11.62
CA LEU A 174 -0.14 -7.89 11.16
C LEU A 174 -1.48 -7.56 11.76
N HIS A 175 -2.41 -8.52 11.68
CA HIS A 175 -3.74 -8.32 12.22
C HIS A 175 -3.64 -7.91 13.71
N ASP A 176 -2.85 -8.66 14.48
CA ASP A 176 -2.72 -8.38 15.90
C ASP A 176 -2.12 -7.02 16.21
N CYS A 177 -1.08 -6.64 15.46
CA CYS A 177 -0.40 -5.36 15.68
C CYS A 177 -1.29 -4.17 15.31
N LEU A 178 -2.06 -4.29 14.21
CA LEU A 178 -2.98 -3.23 13.80
C LEU A 178 -4.09 -3.12 14.82
N THR A 179 -4.52 -4.27 15.32
CA THR A 179 -5.60 -4.27 16.29
C THR A 179 -5.18 -3.59 17.58
N ARG A 180 -3.97 -3.90 18.06
CA ARG A 180 -3.46 -3.31 19.29
C ARG A 180 -3.19 -1.82 19.13
N ALA A 181 -2.52 -1.45 18.04
CA ALA A 181 -2.19 -0.06 17.78
C ALA A 181 -3.46 0.80 17.78
N LEU A 182 -4.48 0.35 17.07
CA LEU A 182 -5.74 1.08 17.00
C LEU A 182 -6.44 1.17 18.35
N ASN A 183 -6.46 0.07 19.09
CA ASN A 183 -7.12 0.03 20.39
C ASN A 183 -6.41 0.95 21.39
N GLU A 184 -5.09 1.05 21.29
CA GLU A 184 -4.33 1.92 22.19
C GLU A 184 -4.22 3.36 21.67
N GLY A 185 -4.99 3.67 20.64
CA GLY A 185 -4.95 5.02 20.08
C GLY A 185 -3.60 5.48 19.57
N ALA A 186 -2.81 4.57 19.01
CA ALA A 186 -1.51 4.95 18.49
C ALA A 186 -1.67 5.65 17.13
N THR A 187 -0.66 6.43 16.76
CA THR A 187 -0.66 7.13 15.49
C THR A 187 -0.15 6.18 14.42
N ILE A 188 -1.07 5.72 13.58
CA ILE A 188 -0.73 4.77 12.52
C ILE A 188 -0.62 5.44 11.16
N THR A 189 0.48 5.19 10.47
CA THR A 189 0.67 5.72 9.12
C THR A 189 0.56 4.50 8.19
N ASP A 190 1.62 3.70 8.07
CA ASP A 190 1.53 2.52 7.21
C ASP A 190 1.43 1.24 8.06
N GLU A 191 1.41 0.08 7.39
CA GLU A 191 1.33 -1.17 8.13
C GLU A 191 2.56 -1.37 8.98
N ALA A 192 3.73 -0.97 8.48
CA ALA A 192 4.94 -1.13 9.25
C ALA A 192 4.87 -0.36 10.56
N SER A 193 4.23 0.81 10.56
CA SER A 193 4.15 1.58 11.81
C SER A 193 3.39 0.82 12.89
N ALA A 194 2.48 -0.06 12.50
CA ALA A 194 1.75 -0.84 13.52
C ALA A 194 2.70 -1.87 14.14
N LEU A 195 3.52 -2.52 13.31
CA LEU A 195 4.49 -3.47 13.82
C LEU A 195 5.46 -2.72 14.70
N GLU A 196 5.83 -1.52 14.28
CA GLU A 196 6.77 -0.73 15.04
C GLU A 196 6.25 -0.42 16.40
N TYR A 197 4.98 -0.06 16.47
CA TYR A 197 4.38 0.28 17.75
C TYR A 197 4.46 -0.88 18.73
N CYS A 198 4.37 -2.10 18.22
CA CYS A 198 4.41 -3.31 19.05
C CYS A 198 5.82 -3.87 19.33
N GLY A 199 6.83 -3.09 18.99
CA GLY A 199 8.19 -3.51 19.25
C GLY A 199 8.92 -4.23 18.15
N PHE A 200 8.31 -4.35 16.98
CA PHE A 200 8.98 -5.01 15.88
C PHE A 200 9.74 -4.05 15.00
N HIS A 201 10.66 -4.61 14.22
CA HIS A 201 11.50 -3.85 13.32
C HIS A 201 11.53 -4.48 11.94
N PRO A 202 10.52 -4.15 11.09
CA PRO A 202 10.40 -4.70 9.73
C PRO A 202 11.59 -4.38 8.83
N GLN A 203 11.81 -5.24 7.85
CA GLN A 203 12.90 -5.05 6.92
C GLN A 203 12.59 -4.03 5.83
N LEU A 204 13.64 -3.38 5.36
CA LEU A 204 13.55 -2.40 4.29
C LEU A 204 14.11 -3.10 3.05
N VAL A 205 13.28 -3.23 2.02
CA VAL A 205 13.73 -3.86 0.78
C VAL A 205 13.76 -2.73 -0.21
N GLU A 206 14.93 -2.40 -0.72
CA GLU A 206 15.01 -1.25 -1.63
C GLU A 206 14.22 -1.46 -2.91
N GLY A 207 13.39 -0.47 -3.24
CA GLY A 207 12.58 -0.52 -4.46
C GLY A 207 12.72 0.72 -5.32
N ARG A 208 12.17 0.66 -6.53
CA ARG A 208 12.26 1.77 -7.47
C ARG A 208 11.52 3.00 -6.97
N ALA A 209 12.13 4.16 -7.19
CA ALA A 209 11.51 5.40 -6.75
C ALA A 209 10.33 5.85 -7.60
N ASP A 210 10.14 5.24 -8.77
CA ASP A 210 9.02 5.60 -9.63
C ASP A 210 7.74 4.87 -9.25
N ASN A 211 7.79 4.15 -8.13
CA ASN A 211 6.62 3.46 -7.60
C ASN A 211 5.89 4.57 -6.82
N ILE A 212 5.26 5.50 -7.53
CA ILE A 212 4.60 6.65 -6.88
C ILE A 212 3.13 6.45 -6.54
N LYS A 213 2.62 7.30 -5.62
CA LYS A 213 1.23 7.26 -5.21
C LYS A 213 0.58 8.46 -5.86
N VAL A 214 -0.47 8.20 -6.61
CA VAL A 214 -1.20 9.26 -7.29
C VAL A 214 -2.00 9.91 -6.19
N THR A 215 -1.72 11.18 -5.91
CA THR A 215 -2.38 11.90 -4.82
C THR A 215 -2.93 13.25 -5.26
N ARG A 216 -2.18 13.93 -6.14
CA ARG A 216 -2.57 15.25 -6.65
C ARG A 216 -2.81 15.17 -8.14
N PRO A 217 -3.51 16.16 -8.70
CA PRO A 217 -3.79 16.16 -10.13
C PRO A 217 -2.62 15.86 -11.05
N GLU A 218 -1.48 16.50 -10.80
CA GLU A 218 -0.32 16.30 -11.64
C GLU A 218 0.24 14.89 -11.62
N ASP A 219 -0.06 14.17 -10.54
CA ASP A 219 0.42 12.79 -10.41
C ASP A 219 -0.13 11.85 -11.47
N LEU A 220 -1.31 12.14 -11.99
CA LEU A 220 -1.89 11.27 -12.99
C LEU A 220 -1.00 11.18 -14.24
N ALA A 221 -0.59 12.34 -14.75
CA ALA A 221 0.25 12.36 -15.95
C ALA A 221 1.62 11.78 -15.66
N LEU A 222 2.13 11.97 -14.46
CA LEU A 222 3.44 11.41 -14.11
C LEU A 222 3.34 9.89 -14.05
N ALA A 223 2.27 9.38 -13.44
CA ALA A 223 2.11 7.93 -13.36
C ALA A 223 2.03 7.36 -14.77
N GLU A 224 1.30 8.05 -15.64
CA GLU A 224 1.16 7.62 -17.03
C GLU A 224 2.53 7.58 -17.71
N PHE A 225 3.38 8.56 -17.40
CA PHE A 225 4.73 8.63 -17.96
C PHE A 225 5.55 7.43 -17.49
N TYR A 226 5.52 7.15 -16.19
CA TYR A 226 6.29 6.03 -15.67
C TYR A 226 5.85 4.68 -16.25
N LEU A 227 4.55 4.46 -16.39
CA LEU A 227 4.08 3.19 -16.94
C LEU A 227 4.70 3.02 -18.34
N THR A 228 4.77 4.12 -19.10
CA THR A 228 5.35 4.14 -20.44
C THR A 228 4.86 5.32 -21.26
N ARG A 229 5.59 5.68 -22.31
CA ARG A 229 5.22 6.79 -23.21
C ARG A 229 6.07 6.84 -24.49
CA CA B . -1.58 -14.79 -11.39
MG MG C . -6.21 9.77 2.75
N1 CTP D . -7.96 4.24 1.79
C2 CTP D . -8.90 3.34 2.26
N3 CTP D . -9.77 3.64 3.23
C4 CTP D . -9.73 4.88 3.82
C5 CTP D . -8.80 5.85 3.43
C6 CTP D . -7.93 5.47 2.41
O2 CTP D . -9.02 2.20 1.77
N4 CTP D . -10.63 5.13 4.81
C1' CTP D . -7.00 3.86 0.70
C2' CTP D . -7.16 4.75 -0.50
O2' CTP D . -8.30 4.38 -1.28
C3' CTP D . -5.83 4.60 -1.18
C4' CTP D . -4.82 4.25 -0.07
O4' CTP D . -5.67 4.13 1.11
O3' CTP D . -5.74 3.51 -2.08
C5' CTP D . -4.01 5.50 -0.13
O5' CTP D . -4.30 6.39 0.90
PA CTP D . -4.59 8.00 0.57
O1A CTP D . -4.13 8.27 -0.89
O2A CTP D . -3.73 8.80 1.56
O3A CTP D . -6.22 8.28 0.89
PB CTP D . -7.34 8.81 -0.20
O1B CTP D . -8.63 8.89 0.64
O2B CTP D . -7.51 7.80 -1.36
O3B CTP D . -6.97 10.36 -0.76
PG CTP D . -7.29 11.75 0.12
O1G CTP D . -8.85 11.82 0.34
O2G CTP D . -6.76 12.91 -0.78
O3G CTP D . -6.53 11.60 1.45
#